data_5ER8
#
_entry.id   5ER8
#
_cell.length_a   142.601
_cell.length_b   142.601
_cell.length_c   117.632
_cell.angle_alpha   90.00
_cell.angle_beta   90.00
_cell.angle_gamma   120.00
#
_symmetry.space_group_name_H-M   'P 32 2 1'
#
loop_
_entity.id
_entity.type
_entity.pdbx_description
1 polymer 'Fusicoccadiene synthase'
2 non-polymer 'MANGANESE (II) ION'
3 non-polymer '(6-azanyl-1-oxidanyl-1-phosphono-hexyl)phosphonic acid'
4 non-polymer 'CHLORIDE ION'
5 water water
#
_entity_poly.entity_id   1
_entity_poly.type   'polypeptide(L)'
_entity_poly.pdbx_seq_one_letter_code
;MGSSHHHHHHSSGLVPRGSMEFKYSEVVEPSTYYTEGLCEGIDVRKSKFTTLEDRGAIRAHEDWNKHIGPCREYRGTLGP
RFSFISVAVPECIPERLEVISYANEFAFLHDDVTDHVGHDTGEVENDEMMTVFLEAAHTGAIDTSNKVDIRRAGKKRIQS
QLFLEMLAIDPECAKTTMKSWARFVEVGSSRQHETRFVELAKYIPYRIMDVGEMFWFGLVTFGLGLHIPDHELELCRELM
ANAWIAVGLQNDIWSWPKERDAATLHGKDHVVNAIWVLMQEHQTDVDGAMQICRKLIVEYVAKYLEVIEATKNDESISLD
LRKYLDAMLYSISGNVVWSLECPRYNPDVSFNKTQLEWMRQGL
;
_entity_poly.pdbx_strand_id   A,B
#
# COMPACT_ATOMS: atom_id res chain seq x y z
N GLU A 21 5.40 11.09 17.59
CA GLU A 21 5.57 9.75 18.13
C GLU A 21 4.79 8.73 17.31
N PHE A 22 3.57 9.09 16.93
CA PHE A 22 2.72 8.26 16.11
C PHE A 22 2.38 8.92 14.79
N LYS A 23 2.65 8.23 13.69
CA LYS A 23 2.40 8.81 12.38
C LYS A 23 1.71 7.86 11.40
N TYR A 24 1.43 6.63 11.82
CA TYR A 24 0.81 5.66 10.93
C TYR A 24 -0.55 5.14 11.41
N SER A 25 -1.15 5.78 12.39
CA SER A 25 -2.39 5.24 12.92
C SER A 25 -3.19 6.29 13.66
N GLU A 26 -4.49 6.05 13.78
CA GLU A 26 -5.35 6.97 14.51
C GLU A 26 -5.98 6.26 15.69
N VAL A 27 -6.27 7.02 16.74
CA VAL A 27 -6.92 6.47 17.91
C VAL A 27 -8.34 6.16 17.56
N VAL A 28 -8.80 4.99 17.96
CA VAL A 28 -10.18 4.67 17.76
C VAL A 28 -10.98 5.26 18.90
N GLU A 29 -12.17 5.75 18.57
CA GLU A 29 -13.06 6.36 19.55
C GLU A 29 -13.72 5.33 20.44
N PRO A 30 -13.45 5.42 21.74
CA PRO A 30 -13.94 4.58 22.83
C PRO A 30 -15.43 4.29 22.80
N SER A 31 -16.26 5.25 22.44
CA SER A 31 -17.70 5.03 22.50
C SER A 31 -18.17 4.16 21.36
N THR A 32 -17.23 3.59 20.62
CA THR A 32 -17.57 2.81 19.44
C THR A 32 -17.21 1.36 19.59
N TYR A 33 -16.45 1.04 20.61
CA TYR A 33 -16.05 -0.35 20.79
C TYR A 33 -16.11 -0.77 22.25
N TYR A 34 -16.18 -2.08 22.44
CA TYR A 34 -16.28 -2.66 23.76
C TYR A 34 -14.88 -3.07 24.23
N THR A 35 -14.59 -2.82 25.50
CA THR A 35 -13.27 -3.12 26.06
C THR A 35 -13.44 -4.11 27.18
N GLU A 36 -14.67 -4.17 27.70
CA GLU A 36 -15.01 -5.03 28.82
C GLU A 36 -14.11 -4.76 29.98
N GLY A 37 -13.69 -3.51 30.09
CA GLY A 37 -12.78 -3.08 31.14
C GLY A 37 -11.48 -3.84 31.10
N LEU A 38 -11.21 -4.55 30.03
CA LEU A 38 -10.08 -5.45 30.02
C LEU A 38 -8.82 -4.82 29.44
N CYS A 39 -8.75 -3.51 29.41
CA CYS A 39 -7.53 -2.83 29.02
C CYS A 39 -7.59 -1.41 29.49
N GLU A 40 -8.13 -1.20 30.69
CA GLU A 40 -8.24 0.13 31.26
C GLU A 40 -6.89 0.81 31.19
N GLY A 41 -6.86 1.97 30.54
CA GLY A 41 -5.65 2.76 30.43
C GLY A 41 -4.97 2.82 29.08
N ILE A 42 -5.49 2.10 28.09
CA ILE A 42 -4.82 2.07 26.79
C ILE A 42 -5.71 2.52 25.66
N ASP A 43 -5.22 3.48 24.87
CA ASP A 43 -5.93 3.89 23.68
C ASP A 43 -6.04 2.72 22.72
N VAL A 44 -6.94 2.84 21.76
CA VAL A 44 -7.02 1.88 20.69
C VAL A 44 -6.67 2.55 19.40
N ARG A 45 -5.59 2.10 18.77
CA ARG A 45 -5.16 2.69 17.52
C ARG A 45 -5.23 1.70 16.37
N LYS A 46 -5.67 2.20 15.22
CA LYS A 46 -5.87 1.38 14.03
C LYS A 46 -4.89 1.81 12.96
N SER A 47 -4.30 0.84 12.27
CA SER A 47 -3.14 1.09 11.42
C SER A 47 -3.32 1.96 10.19
N LYS A 48 -4.53 2.38 9.84
CA LYS A 48 -4.66 3.44 8.84
C LYS A 48 -4.11 2.96 7.49
N PHE A 49 -3.76 1.68 7.43
CA PHE A 49 -3.48 0.97 6.18
C PHE A 49 -3.97 -0.45 6.25
N THR A 50 -5.06 -0.65 6.97
CA THR A 50 -5.51 -1.98 7.32
C THR A 50 -5.63 -2.88 6.12
N THR A 51 -5.96 -2.32 4.96
CA THR A 51 -6.20 -3.16 3.78
C THR A 51 -4.92 -3.81 3.28
N LEU A 52 -3.78 -3.33 3.75
CA LEU A 52 -2.52 -3.99 3.44
C LEU A 52 -2.43 -5.26 4.23
N GLU A 53 -3.01 -5.24 5.42
CA GLU A 53 -3.10 -6.46 6.19
C GLU A 53 -3.97 -7.41 5.40
N ASP A 54 -5.06 -6.88 4.85
CA ASP A 54 -6.00 -7.69 4.10
C ASP A 54 -5.28 -8.44 3.02
N ARG A 55 -4.51 -7.72 2.22
CA ARG A 55 -3.92 -8.32 1.04
C ARG A 55 -2.77 -9.25 1.39
N GLY A 56 -2.02 -8.90 2.42
CA GLY A 56 -0.90 -9.73 2.83
C GLY A 56 -1.38 -11.05 3.39
N ALA A 57 -2.46 -10.97 4.15
CA ALA A 57 -3.03 -12.17 4.71
C ALA A 57 -3.53 -13.07 3.60
N ILE A 58 -4.39 -12.52 2.76
CA ILE A 58 -5.07 -13.34 1.77
C ILE A 58 -4.11 -13.98 0.79
N ARG A 59 -3.04 -13.29 0.44
CA ARG A 59 -2.04 -13.94 -0.38
C ARG A 59 -1.58 -15.21 0.28
N ALA A 60 -1.34 -15.13 1.58
CA ALA A 60 -0.93 -16.30 2.32
C ALA A 60 -1.98 -17.38 2.19
N HIS A 61 -3.25 -17.02 2.22
CA HIS A 61 -4.29 -18.01 1.98
C HIS A 61 -4.05 -18.68 0.66
N GLU A 62 -3.93 -17.86 -0.36
CA GLU A 62 -3.74 -18.34 -1.72
C GLU A 62 -2.52 -19.21 -1.80
N ASP A 63 -1.46 -18.78 -1.13
CA ASP A 63 -0.21 -19.54 -1.19
C ASP A 63 -0.38 -20.87 -0.52
N TRP A 64 -1.08 -20.86 0.59
CA TRP A 64 -1.33 -22.08 1.34
C TRP A 64 -2.18 -22.99 0.48
N ASN A 65 -3.26 -22.43 -0.02
CA ASN A 65 -4.13 -23.14 -0.93
C ASN A 65 -3.32 -23.67 -2.08
N LYS A 66 -2.36 -22.87 -2.51
CA LYS A 66 -1.52 -23.24 -3.64
C LYS A 66 -0.59 -24.39 -3.27
N HIS A 67 0.13 -24.27 -2.17
CA HIS A 67 1.28 -25.14 -2.02
C HIS A 67 1.20 -26.26 -1.00
N ILE A 68 0.28 -26.21 -0.04
CA ILE A 68 0.27 -27.26 0.96
C ILE A 68 -1.12 -27.84 1.28
N GLY A 69 -2.18 -27.08 1.07
CA GLY A 69 -3.50 -27.59 1.39
C GLY A 69 -4.56 -26.56 1.15
N PRO A 70 -5.83 -26.97 1.16
CA PRO A 70 -6.98 -26.09 0.90
C PRO A 70 -7.03 -24.93 1.86
N CYS A 71 -7.41 -23.75 1.37
CA CYS A 71 -7.40 -22.55 2.20
C CYS A 71 -8.19 -21.44 1.52
N ARG A 72 -9.46 -21.34 1.91
CA ARG A 72 -10.33 -20.31 1.42
C ARG A 72 -11.03 -19.63 2.58
N GLU A 73 -10.97 -18.32 2.60
CA GLU A 73 -11.77 -17.52 3.54
C GLU A 73 -11.55 -18.07 4.94
N TYR A 74 -10.30 -17.98 5.36
CA TYR A 74 -9.80 -18.55 6.60
C TYR A 74 -9.90 -17.57 7.74
N ARG A 75 -10.36 -18.03 8.89
CA ARG A 75 -10.54 -17.15 10.01
C ARG A 75 -9.26 -17.08 10.84
N GLY A 76 -8.44 -16.09 10.52
CA GLY A 76 -7.20 -15.85 11.23
C GLY A 76 -7.08 -14.42 11.73
N THR A 77 -6.11 -13.70 11.18
CA THR A 77 -5.77 -12.37 11.68
C THR A 77 -6.76 -11.29 11.25
N LEU A 78 -7.63 -11.63 10.31
CA LEU A 78 -8.56 -10.64 9.75
C LEU A 78 -9.84 -10.47 10.53
N GLY A 79 -10.29 -9.23 10.63
CA GLY A 79 -11.56 -8.92 11.22
C GLY A 79 -12.21 -7.91 10.32
N PRO A 80 -13.54 -7.92 10.24
CA PRO A 80 -14.21 -6.99 9.35
C PRO A 80 -13.95 -5.55 9.72
N ARG A 81 -13.76 -5.31 11.01
CA ARG A 81 -13.53 -3.96 11.50
C ARG A 81 -12.14 -3.89 12.03
N PHE A 82 -11.83 -4.76 12.98
CA PHE A 82 -10.51 -4.81 13.53
C PHE A 82 -9.80 -6.06 13.10
N SER A 83 -8.84 -5.89 12.20
CA SER A 83 -7.92 -6.94 11.87
C SER A 83 -6.75 -6.80 12.81
N PHE A 84 -6.19 -7.93 13.21
CA PHE A 84 -5.26 -7.99 14.33
C PHE A 84 -4.11 -7.00 14.27
N ILE A 85 -3.15 -7.25 13.39
CA ILE A 85 -2.00 -6.38 13.28
C ILE A 85 -2.34 -4.90 13.01
N SER A 86 -3.35 -4.65 12.21
CA SER A 86 -3.76 -3.27 11.95
C SER A 86 -4.09 -2.57 13.25
N VAL A 87 -4.40 -3.36 14.26
CA VAL A 87 -4.87 -2.82 15.52
C VAL A 87 -3.95 -3.22 16.65
N ALA A 88 -3.15 -4.26 16.43
CA ALA A 88 -2.21 -4.73 17.43
C ALA A 88 -0.84 -4.16 17.18
N VAL A 89 -0.60 -3.74 15.95
CA VAL A 89 0.65 -3.09 15.57
C VAL A 89 0.39 -1.89 14.67
N PRO A 90 -0.42 -0.93 15.13
CA PRO A 90 -0.94 0.04 14.18
C PRO A 90 0.07 1.07 13.67
N GLU A 91 1.25 1.13 14.26
CA GLU A 91 2.26 2.07 13.79
C GLU A 91 3.28 1.33 12.95
N CYS A 92 2.92 0.14 12.51
CA CYS A 92 3.81 -0.64 11.67
C CYS A 92 4.13 0.11 10.40
N ILE A 93 5.39 0.04 9.99
CA ILE A 93 5.83 0.76 8.82
C ILE A 93 5.08 0.24 7.61
N PRO A 94 4.33 1.13 6.97
CA PRO A 94 3.39 0.80 5.92
C PRO A 94 3.95 -0.17 4.92
N GLU A 95 5.14 0.09 4.42
CA GLU A 95 5.75 -0.79 3.41
C GLU A 95 5.85 -2.21 3.91
N ARG A 96 5.93 -2.36 5.22
CA ARG A 96 6.16 -3.66 5.81
C ARG A 96 4.85 -4.32 6.24
N LEU A 97 3.75 -3.58 6.14
CA LEU A 97 2.48 -4.07 6.65
C LEU A 97 2.06 -5.41 6.04
N GLU A 98 2.06 -5.51 4.71
CA GLU A 98 1.60 -6.73 4.06
C GLU A 98 2.32 -7.97 4.56
N VAL A 99 3.63 -7.98 4.37
CA VAL A 99 4.43 -9.15 4.67
C VAL A 99 4.26 -9.60 6.12
N ILE A 100 4.14 -8.65 7.02
CA ILE A 100 3.90 -8.97 8.43
C ILE A 100 2.61 -9.75 8.59
N SER A 101 1.59 -9.28 7.89
CA SER A 101 0.29 -9.88 7.96
C SER A 101 0.40 -11.24 7.32
N TYR A 102 1.20 -11.28 6.27
CA TYR A 102 1.45 -12.51 5.57
C TYR A 102 2.01 -13.51 6.55
N ALA A 103 2.95 -13.04 7.36
CA ALA A 103 3.53 -13.86 8.39
C ALA A 103 2.46 -14.33 9.33
N ASN A 104 1.84 -13.37 10.01
CA ASN A 104 0.91 -13.67 11.07
C ASN A 104 -0.11 -14.73 10.69
N GLU A 105 -0.61 -14.67 9.46
CA GLU A 105 -1.60 -15.67 9.06
C GLU A 105 -0.99 -17.04 9.02
N PHE A 106 0.16 -17.12 8.38
CA PHE A 106 0.91 -18.34 8.35
C PHE A 106 1.08 -18.86 9.77
N ALA A 107 1.48 -17.97 10.65
CA ALA A 107 1.54 -18.28 12.06
C ALA A 107 0.21 -18.80 12.51
N PHE A 108 -0.84 -18.02 12.27
CA PHE A 108 -2.20 -18.43 12.65
C PHE A 108 -2.56 -19.77 12.06
N LEU A 109 -1.96 -20.09 10.91
CA LEU A 109 -2.19 -21.37 10.29
C LEU A 109 -1.71 -22.50 11.16
N HIS A 110 -0.28 -22.48 11.40
CA HIS A 110 0.76 -23.40 11.81
C HIS A 110 0.43 -23.70 13.22
N ASP A 111 -0.56 -22.95 13.70
CA ASP A 111 -1.06 -23.15 15.05
C ASP A 111 -2.24 -24.12 15.04
N ASP A 112 -3.13 -23.90 14.07
CA ASP A 112 -4.38 -24.67 13.97
C ASP A 112 -3.96 -26.09 13.74
N VAL A 113 -2.90 -26.24 12.95
CA VAL A 113 -2.31 -27.54 12.71
C VAL A 113 -1.83 -28.12 14.03
N THR A 114 -1.27 -27.28 14.90
CA THR A 114 -0.66 -27.84 16.10
C THR A 114 -1.68 -28.25 17.13
N ASP A 115 -2.93 -27.36 17.08
CA ASP A 115 -4.05 -27.64 17.97
C ASP A 115 -5.30 -27.98 17.16
N GLY A 154 6.61 -32.51 2.93
CA GLY A 154 5.76 -31.40 2.52
C GLY A 154 6.51 -30.37 1.71
N LYS A 155 5.76 -29.44 1.11
CA LYS A 155 6.36 -28.38 0.32
C LYS A 155 6.13 -27.01 0.97
N LYS A 156 6.51 -26.89 2.24
CA LYS A 156 6.25 -25.68 3.00
C LYS A 156 7.52 -24.98 3.44
N ARG A 157 8.68 -25.57 3.15
CA ARG A 157 9.95 -24.88 3.39
C ARG A 157 10.13 -23.78 2.36
N ILE A 158 9.18 -23.71 1.44
CA ILE A 158 9.24 -22.78 0.33
C ILE A 158 8.84 -21.37 0.79
N GLN A 159 8.85 -21.16 2.11
CA GLN A 159 8.46 -19.87 2.65
C GLN A 159 9.68 -19.04 2.95
N SER A 160 10.74 -19.31 2.20
CA SER A 160 11.90 -18.46 2.25
C SER A 160 11.66 -17.31 1.32
N GLN A 161 10.74 -17.49 0.38
CA GLN A 161 10.33 -16.41 -0.50
C GLN A 161 9.90 -15.28 0.39
N LEU A 162 9.23 -15.66 1.47
CA LEU A 162 8.95 -14.77 2.55
C LEU A 162 10.26 -14.24 3.12
N PHE A 163 11.10 -15.14 3.59
CA PHE A 163 12.38 -14.75 4.15
C PHE A 163 13.09 -13.81 3.20
N LEU A 164 13.20 -14.25 1.97
CA LEU A 164 13.89 -13.46 0.97
C LEU A 164 13.29 -12.09 0.87
N GLU A 165 11.97 -12.04 0.94
CA GLU A 165 11.25 -10.78 0.81
C GLU A 165 11.79 -9.76 1.80
N MET A 166 12.21 -10.23 2.96
CA MET A 166 12.62 -9.32 4.01
C MET A 166 13.99 -8.71 3.81
N LEU A 167 14.93 -9.49 3.32
CA LEU A 167 16.26 -8.97 3.11
C LEU A 167 16.21 -7.80 2.15
N ALA A 168 15.31 -7.90 1.19
CA ALA A 168 15.08 -6.86 0.20
C ALA A 168 14.70 -5.57 0.88
N ILE A 169 14.23 -5.68 2.11
CA ILE A 169 13.78 -4.53 2.84
C ILE A 169 14.79 -4.17 3.91
N ASP A 170 14.86 -5.01 4.93
CA ASP A 170 15.81 -4.78 5.99
C ASP A 170 16.53 -6.06 6.28
N PRO A 171 17.74 -6.16 5.76
CA PRO A 171 18.66 -7.25 6.02
C PRO A 171 18.80 -7.55 7.50
N GLU A 172 19.31 -6.61 8.28
CA GLU A 172 19.63 -6.92 9.66
C GLU A 172 18.38 -7.28 10.43
N CYS A 173 17.34 -6.46 10.30
CA CYS A 173 16.11 -6.72 11.03
C CYS A 173 15.63 -8.11 10.70
N ALA A 174 15.83 -8.51 9.45
CA ALA A 174 15.37 -9.81 9.02
C ALA A 174 16.10 -10.91 9.76
N LYS A 175 17.43 -10.88 9.68
CA LYS A 175 18.26 -11.90 10.28
C LYS A 175 17.92 -12.15 11.75
N THR A 176 17.88 -11.07 12.53
CA THR A 176 17.42 -11.12 13.90
C THR A 176 16.16 -11.95 14.02
N THR A 177 15.09 -11.38 13.49
CA THR A 177 13.75 -11.92 13.51
C THR A 177 13.75 -13.38 13.14
N MET A 178 14.45 -13.70 12.06
CA MET A 178 14.57 -15.07 11.62
C MET A 178 15.25 -15.86 12.68
N LYS A 179 16.41 -15.34 13.09
CA LYS A 179 17.16 -15.97 14.14
C LYS A 179 16.28 -16.04 15.34
N SER A 180 15.59 -14.94 15.61
CA SER A 180 14.66 -14.87 16.72
C SER A 180 13.64 -15.98 16.70
N TRP A 181 13.55 -16.69 15.59
CA TRP A 181 12.50 -17.67 15.45
C TRP A 181 12.99 -19.08 15.64
N ALA A 182 14.06 -19.22 16.41
CA ALA A 182 14.54 -20.53 16.82
C ALA A 182 13.74 -21.04 18.01
N ARG A 183 13.28 -22.28 17.95
CA ARG A 183 12.36 -22.80 18.94
C ARG A 183 12.95 -23.94 19.77
N THR A 195 0.86 -32.14 28.43
CA THR A 195 0.69 -30.85 29.07
C THR A 195 -0.10 -31.00 30.35
N ARG A 196 -1.38 -30.62 30.31
CA ARG A 196 -2.29 -30.85 31.42
C ARG A 196 -1.79 -30.24 32.73
N PHE A 197 -1.83 -28.91 32.81
CA PHE A 197 -1.42 -28.18 34.01
C PHE A 197 -2.65 -27.94 34.86
N VAL A 198 -2.47 -27.77 36.16
CA VAL A 198 -3.63 -27.64 37.04
C VAL A 198 -3.48 -26.55 38.09
N GLU A 199 -2.34 -25.88 38.10
CA GLU A 199 -2.22 -24.70 38.93
C GLU A 199 -1.69 -23.58 38.10
N LEU A 200 -2.26 -22.41 38.32
CA LEU A 200 -1.99 -21.26 37.51
C LEU A 200 -0.52 -20.91 37.50
N ALA A 201 0.12 -21.12 38.63
CA ALA A 201 1.53 -20.78 38.77
C ALA A 201 2.37 -21.54 37.77
N LYS A 202 1.88 -22.70 37.37
CA LYS A 202 2.64 -23.56 36.47
C LYS A 202 2.33 -23.25 35.02
N TYR A 203 1.05 -23.01 34.76
CA TYR A 203 0.59 -22.76 33.41
C TYR A 203 1.28 -21.52 32.86
N ILE A 204 1.30 -20.46 33.66
CA ILE A 204 1.80 -19.16 33.19
C ILE A 204 3.14 -19.27 32.44
N PRO A 205 4.14 -19.97 33.01
CA PRO A 205 5.35 -20.18 32.21
C PRO A 205 5.09 -20.76 30.82
N TYR A 206 4.35 -21.86 30.77
CA TYR A 206 4.08 -22.52 29.51
C TYR A 206 3.40 -21.62 28.49
N ARG A 207 2.18 -21.18 28.78
CA ARG A 207 1.37 -20.48 27.79
C ARG A 207 2.04 -19.22 27.28
N ILE A 208 2.84 -18.59 28.13
CA ILE A 208 3.46 -17.32 27.77
C ILE A 208 4.29 -17.46 26.50
N MET A 209 4.62 -18.70 26.14
CA MET A 209 5.21 -18.95 24.85
C MET A 209 4.27 -19.71 23.92
N ASP A 210 3.35 -20.51 24.47
CA ASP A 210 2.39 -21.21 23.60
C ASP A 210 1.54 -20.19 22.87
N VAL A 211 1.63 -18.93 23.29
CA VAL A 211 0.96 -17.85 22.62
C VAL A 211 1.92 -17.20 21.62
N GLY A 212 3.22 -17.31 21.89
CA GLY A 212 4.24 -16.97 20.91
C GLY A 212 5.05 -15.72 21.20
N GLU A 213 5.70 -15.68 22.35
CA GLU A 213 6.41 -14.47 22.74
C GLU A 213 7.52 -14.12 21.77
N MET A 214 8.36 -15.09 21.48
CA MET A 214 9.54 -14.86 20.66
C MET A 214 9.16 -14.45 19.25
N PHE A 215 8.15 -15.13 18.71
CA PHE A 215 7.62 -14.81 17.39
C PHE A 215 7.22 -13.36 17.33
N TRP A 216 6.31 -13.00 18.22
CA TRP A 216 5.72 -11.68 18.23
C TRP A 216 6.80 -10.63 18.38
N PHE A 217 7.72 -10.95 19.27
CA PHE A 217 8.89 -10.12 19.43
C PHE A 217 9.54 -9.87 18.09
N GLY A 218 10.04 -10.94 17.49
CA GLY A 218 10.74 -10.85 16.22
C GLY A 218 9.89 -10.14 15.20
N LEU A 219 8.59 -10.40 15.27
CA LEU A 219 7.65 -9.76 14.38
C LEU A 219 7.72 -8.24 14.50
N VAL A 220 7.36 -7.72 15.67
CA VAL A 220 7.16 -6.28 15.83
C VAL A 220 8.39 -5.43 15.58
N THR A 221 9.52 -5.92 16.06
CA THR A 221 10.80 -5.27 15.92
C THR A 221 11.07 -4.89 14.49
N PHE A 222 10.86 -5.87 13.62
CA PHE A 222 10.98 -5.66 12.20
C PHE A 222 10.05 -4.56 11.71
N GLY A 223 8.74 -4.79 11.82
CA GLY A 223 7.74 -3.85 11.35
C GLY A 223 7.92 -2.45 11.88
N LEU A 224 8.61 -2.34 13.01
CA LEU A 224 8.92 -1.06 13.60
C LEU A 224 10.37 -0.72 13.37
N GLY A 225 11.07 -1.64 12.69
CA GLY A 225 12.47 -1.41 12.35
C GLY A 225 13.29 -1.13 13.58
N LEU A 226 13.08 -1.94 14.60
CA LEU A 226 13.80 -1.77 15.84
C LEU A 226 15.09 -2.58 15.84
N HIS A 227 16.15 -1.97 16.37
CA HIS A 227 17.39 -2.67 16.66
C HIS A 227 17.67 -2.57 18.12
N ILE A 228 17.59 -3.70 18.79
CA ILE A 228 17.95 -3.75 20.18
C ILE A 228 19.19 -4.62 20.33
N PRO A 229 20.20 -4.09 21.01
CA PRO A 229 21.46 -4.76 21.26
C PRO A 229 21.25 -6.06 22.01
N ASP A 230 22.01 -7.08 21.62
CA ASP A 230 21.74 -8.44 22.03
C ASP A 230 21.80 -8.70 23.53
N HIS A 231 22.09 -7.67 24.30
CA HIS A 231 22.19 -7.86 25.73
C HIS A 231 20.90 -7.56 26.45
N GLU A 232 20.14 -6.58 25.98
CA GLU A 232 18.88 -6.26 26.62
C GLU A 232 17.86 -7.35 26.35
N LEU A 233 18.21 -8.26 25.43
CA LEU A 233 17.35 -9.37 25.07
C LEU A 233 16.95 -10.13 26.31
N GLU A 234 17.95 -10.44 27.11
CA GLU A 234 17.73 -11.04 28.41
C GLU A 234 16.75 -10.22 29.21
N LEU A 235 16.99 -8.91 29.24
CA LEU A 235 16.18 -7.99 30.04
C LEU A 235 14.74 -7.95 29.57
N CYS A 236 14.58 -7.61 28.30
CA CYS A 236 13.31 -7.17 27.75
C CYS A 236 12.15 -8.02 28.19
N ARG A 237 12.35 -9.32 28.12
CA ARG A 237 11.31 -10.27 28.41
C ARG A 237 10.88 -10.20 29.87
N GLU A 238 11.79 -9.80 30.73
CA GLU A 238 11.48 -9.70 32.15
C GLU A 238 10.63 -8.50 32.41
N LEU A 239 10.58 -7.61 31.43
CA LEU A 239 9.73 -6.46 31.58
C LEU A 239 8.28 -6.79 31.25
N MET A 240 8.07 -7.49 30.15
CA MET A 240 6.73 -7.65 29.60
C MET A 240 5.99 -8.88 30.08
N ALA A 241 6.40 -9.36 31.25
CA ALA A 241 5.73 -10.50 31.85
C ALA A 241 4.24 -10.21 31.99
N ASN A 242 3.90 -9.17 32.76
CA ASN A 242 2.52 -8.81 32.97
C ASN A 242 1.77 -8.72 31.66
N ALA A 243 2.40 -8.08 30.67
CA ALA A 243 1.80 -7.93 29.35
C ALA A 243 1.42 -9.26 28.77
N TRP A 244 2.45 -10.02 28.44
CA TRP A 244 2.28 -11.34 27.89
C TRP A 244 1.34 -12.18 28.72
N ILE A 245 1.37 -11.95 30.02
CA ILE A 245 0.45 -12.64 30.90
C ILE A 245 -0.98 -12.25 30.56
N ALA A 246 -1.23 -10.96 30.47
CA ALA A 246 -2.57 -10.48 30.23
C ALA A 246 -3.14 -11.08 28.96
N VAL A 247 -2.37 -10.96 27.87
CA VAL A 247 -2.88 -11.36 26.59
C VAL A 247 -3.12 -12.84 26.54
N GLY A 248 -2.27 -13.61 27.21
CA GLY A 248 -2.45 -15.04 27.22
C GLY A 248 -3.85 -15.38 27.68
N LEU A 249 -4.23 -14.79 28.80
CA LEU A 249 -5.53 -15.02 29.41
C LEU A 249 -6.65 -14.60 28.52
N GLN A 250 -6.41 -13.49 27.84
CA GLN A 250 -7.42 -12.94 26.97
C GLN A 250 -7.74 -13.95 25.90
N ASN A 251 -6.71 -14.44 25.25
CA ASN A 251 -6.88 -15.45 24.24
C ASN A 251 -7.65 -16.61 24.82
N ASP A 252 -7.23 -17.05 25.99
CA ASP A 252 -7.83 -18.21 26.63
C ASP A 252 -9.26 -17.96 26.98
N ILE A 253 -9.64 -16.71 27.16
CA ILE A 253 -11.02 -16.42 27.41
C ILE A 253 -11.80 -16.56 26.14
N TRP A 254 -11.26 -16.00 25.07
CA TRP A 254 -12.02 -15.91 23.84
C TRP A 254 -11.80 -17.08 22.92
N SER A 255 -10.62 -17.68 23.00
CA SER A 255 -10.40 -18.90 22.24
C SER A 255 -10.94 -20.07 23.03
N TRP A 256 -11.55 -19.78 24.17
CA TRP A 256 -11.98 -20.84 25.05
C TRP A 256 -12.98 -21.81 24.41
N PRO A 257 -14.13 -21.31 23.92
CA PRO A 257 -15.07 -22.30 23.38
C PRO A 257 -14.45 -23.09 22.26
N LYS A 258 -13.74 -22.40 21.37
CA LYS A 258 -12.95 -23.03 20.32
C LYS A 258 -12.14 -24.14 20.93
N GLU A 259 -11.22 -23.75 21.79
CA GLU A 259 -10.23 -24.68 22.33
C GLU A 259 -10.94 -25.68 23.24
N ARG A 260 -12.16 -25.34 23.67
CA ARG A 260 -12.91 -26.25 24.51
C ARG A 260 -13.53 -27.37 23.72
N ASP A 261 -14.31 -27.00 22.71
CA ASP A 261 -14.90 -27.97 21.82
C ASP A 261 -13.80 -28.89 21.28
N ALA A 262 -12.61 -28.34 21.14
CA ALA A 262 -11.48 -29.08 20.60
C ALA A 262 -11.06 -30.25 21.49
N ALA A 263 -10.88 -29.99 22.77
CA ALA A 263 -10.45 -31.02 23.69
C ALA A 263 -11.51 -32.09 23.79
N THR A 264 -12.76 -31.66 23.61
CA THR A 264 -13.90 -32.56 23.61
C THR A 264 -13.76 -33.64 22.52
N LEU A 265 -13.14 -33.31 21.40
CA LEU A 265 -13.06 -34.24 20.28
C LEU A 265 -11.94 -35.27 20.40
N HIS A 266 -10.71 -34.79 20.57
CA HIS A 266 -9.58 -35.68 20.79
C HIS A 266 -9.90 -36.68 21.89
N GLY A 267 -10.79 -36.26 22.79
CA GLY A 267 -11.22 -37.08 23.90
C GLY A 267 -10.48 -36.70 25.16
N LYS A 268 -9.77 -35.57 25.10
CA LYS A 268 -8.93 -35.14 26.21
C LYS A 268 -9.72 -34.99 27.50
N ASP A 269 -9.06 -35.27 28.62
CA ASP A 269 -9.65 -35.11 29.93
C ASP A 269 -9.49 -33.67 30.37
N HIS A 270 -8.49 -33.02 29.80
CA HIS A 270 -8.13 -31.67 30.17
C HIS A 270 -8.23 -30.74 28.99
N VAL A 271 -8.21 -29.44 29.27
CA VAL A 271 -8.06 -28.44 28.23
C VAL A 271 -6.90 -27.53 28.62
N VAL A 272 -5.87 -27.51 27.80
CA VAL A 272 -4.73 -26.62 28.04
C VAL A 272 -5.16 -25.16 27.87
N ASN A 273 -5.97 -24.69 28.82
CA ASN A 273 -6.54 -23.35 28.79
C ASN A 273 -6.74 -22.92 30.22
N ALA A 274 -6.30 -21.71 30.51
CA ALA A 274 -6.39 -21.17 31.86
C ALA A 274 -7.74 -21.40 32.52
N ILE A 275 -8.80 -21.25 31.75
CA ILE A 275 -10.13 -21.45 32.30
C ILE A 275 -10.25 -22.83 32.90
N TRP A 276 -9.69 -23.81 32.23
CA TRP A 276 -9.80 -25.17 32.71
C TRP A 276 -8.94 -25.40 33.92
N VAL A 277 -7.74 -24.86 33.84
CA VAL A 277 -6.81 -24.90 34.95
C VAL A 277 -7.47 -24.35 36.20
N LEU A 278 -7.99 -23.14 36.06
CA LEU A 278 -8.67 -22.46 37.14
C LEU A 278 -9.76 -23.31 37.75
N MET A 279 -10.59 -23.90 36.89
CA MET A 279 -11.69 -24.72 37.37
C MET A 279 -11.19 -25.82 38.27
N GLN A 280 -10.02 -26.32 37.93
CA GLN A 280 -9.39 -27.40 38.69
C GLN A 280 -8.72 -26.84 39.93
N GLU A 281 -7.87 -25.83 39.73
CA GLU A 281 -7.16 -25.26 40.85
C GLU A 281 -8.10 -24.64 41.87
N HIS A 282 -9.34 -24.35 41.48
CA HIS A 282 -10.22 -23.61 42.38
C HIS A 282 -11.55 -24.30 42.70
N GLN A 283 -11.67 -25.58 42.34
CA GLN A 283 -12.90 -26.32 42.57
C GLN A 283 -14.12 -25.59 42.05
N THR A 284 -13.98 -24.79 41.01
CA THR A 284 -15.12 -23.98 40.62
C THR A 284 -15.62 -24.38 39.26
N ASP A 285 -16.78 -23.86 38.89
CA ASP A 285 -17.38 -24.10 37.59
C ASP A 285 -16.75 -23.19 36.54
N VAL A 286 -17.32 -23.25 35.35
CA VAL A 286 -16.92 -22.47 34.21
C VAL A 286 -17.05 -21.01 34.50
N ASP A 287 -18.25 -20.59 34.89
CA ASP A 287 -18.50 -19.19 35.20
C ASP A 287 -17.49 -18.66 36.19
N GLY A 288 -17.32 -19.39 37.29
CA GLY A 288 -16.36 -19.01 38.31
C GLY A 288 -14.97 -18.79 37.77
N ALA A 289 -14.53 -19.65 36.85
CA ALA A 289 -13.19 -19.53 36.28
C ALA A 289 -13.04 -18.22 35.53
N MET A 290 -14.06 -17.85 34.78
CA MET A 290 -14.01 -16.66 33.96
C MET A 290 -13.88 -15.39 34.76
N GLN A 291 -14.70 -15.26 35.80
CA GLN A 291 -14.75 -14.04 36.58
C GLN A 291 -13.41 -13.77 37.19
N ILE A 292 -12.77 -14.84 37.61
CA ILE A 292 -11.49 -14.75 38.26
C ILE A 292 -10.45 -14.32 37.28
N CYS A 293 -10.35 -15.11 36.21
CA CYS A 293 -9.47 -14.82 35.12
C CYS A 293 -9.60 -13.37 34.70
N ARG A 294 -10.83 -12.94 34.47
CA ARG A 294 -11.09 -11.55 34.19
C ARG A 294 -10.57 -10.67 35.31
N LYS A 295 -10.86 -11.02 36.55
CA LYS A 295 -10.38 -10.18 37.65
C LYS A 295 -8.87 -10.09 37.58
N LEU A 296 -8.25 -11.17 37.11
CA LEU A 296 -6.80 -11.28 37.07
C LEU A 296 -6.18 -10.46 35.99
N ILE A 297 -6.65 -10.67 34.78
CA ILE A 297 -6.21 -9.89 33.64
C ILE A 297 -6.11 -8.44 34.00
N VAL A 298 -7.20 -7.91 34.54
CA VAL A 298 -7.27 -6.52 34.94
C VAL A 298 -6.07 -6.14 35.78
N GLU A 299 -5.65 -7.06 36.64
CA GLU A 299 -4.61 -6.75 37.60
C GLU A 299 -3.20 -6.86 37.01
N TYR A 300 -3.02 -7.71 36.00
CA TYR A 300 -1.74 -7.76 35.31
C TYR A 300 -1.62 -6.60 34.38
N VAL A 301 -2.76 -6.06 34.00
CA VAL A 301 -2.79 -4.84 33.20
C VAL A 301 -1.99 -3.80 33.93
N ALA A 302 -2.52 -3.44 35.10
CA ALA A 302 -1.92 -2.46 35.96
C ALA A 302 -0.46 -2.79 36.13
N LYS A 303 -0.21 -4.02 36.55
CA LYS A 303 1.15 -4.45 36.87
C LYS A 303 2.11 -4.08 35.76
N TYR A 304 1.63 -4.17 34.54
CA TYR A 304 2.46 -3.78 33.41
C TYR A 304 2.51 -2.26 33.26
N LEU A 305 1.36 -1.61 33.46
CA LEU A 305 1.30 -0.17 33.33
C LEU A 305 2.30 0.48 34.26
N GLU A 306 2.39 -0.07 35.47
CA GLU A 306 3.38 0.34 36.46
C GLU A 306 4.72 0.52 35.78
N VAL A 307 5.13 -0.53 35.11
CA VAL A 307 6.43 -0.63 34.49
C VAL A 307 6.69 0.56 33.59
N ILE A 308 5.69 0.90 32.78
CA ILE A 308 5.86 1.98 31.83
C ILE A 308 6.38 3.23 32.50
N GLU A 309 5.58 3.76 33.41
CA GLU A 309 5.90 4.97 34.14
C GLU A 309 7.31 4.94 34.69
N ALA A 310 7.65 3.85 35.36
CA ALA A 310 8.99 3.68 35.88
C ALA A 310 10.00 3.78 34.76
N THR A 311 9.83 2.93 33.76
CA THR A 311 10.78 2.76 32.69
C THR A 311 10.83 3.92 31.71
N LYS A 312 9.92 4.87 31.89
CA LYS A 312 9.77 5.96 30.94
C LYS A 312 11.03 6.79 30.69
N ASN A 313 12.04 6.69 31.56
CA ASN A 313 13.13 7.64 31.49
C ASN A 313 14.52 7.15 31.89
N ASP A 314 14.81 5.86 31.71
CA ASP A 314 16.17 5.41 31.98
C ASP A 314 16.92 5.24 30.66
N GLU A 315 18.02 5.95 30.49
CA GLU A 315 18.72 5.95 29.21
C GLU A 315 19.65 4.79 29.04
N SER A 316 19.77 3.96 30.06
CA SER A 316 20.51 2.72 29.88
C SER A 316 19.63 1.80 29.07
N ILE A 317 18.35 2.17 28.94
CA ILE A 317 17.40 1.44 28.13
C ILE A 317 17.45 1.86 26.68
N SER A 318 17.37 0.88 25.77
CA SER A 318 17.31 1.18 24.36
C SER A 318 16.15 2.09 24.08
N LEU A 319 16.41 3.11 23.28
CA LEU A 319 15.37 3.90 22.68
C LEU A 319 14.36 2.93 22.07
N ASP A 320 14.86 1.99 21.29
CA ASP A 320 14.06 0.96 20.65
C ASP A 320 13.27 0.13 21.64
N LEU A 321 13.94 -0.33 22.68
CA LEU A 321 13.29 -1.12 23.69
C LEU A 321 12.16 -0.32 24.28
N ARG A 322 12.50 0.89 24.70
CA ARG A 322 11.50 1.78 25.26
C ARG A 322 10.37 1.97 24.27
N LYS A 323 10.71 2.10 22.99
CA LYS A 323 9.71 2.13 21.94
C LYS A 323 8.89 0.85 22.01
N TYR A 324 9.60 -0.26 21.84
CA TYR A 324 8.99 -1.59 21.83
C TYR A 324 8.08 -1.79 23.01
N LEU A 325 8.49 -1.29 24.17
CA LEU A 325 7.67 -1.41 25.35
C LEU A 325 6.37 -0.69 25.12
N ASP A 326 6.48 0.58 24.77
CA ASP A 326 5.32 1.42 24.58
C ASP A 326 4.39 0.79 23.57
N ALA A 327 5.00 0.22 22.53
CA ALA A 327 4.24 -0.41 21.47
C ALA A 327 3.45 -1.62 21.94
N MET A 328 3.89 -2.24 23.03
CA MET A 328 3.21 -3.42 23.52
C MET A 328 1.82 -3.09 24.05
N LEU A 329 1.67 -1.87 24.54
CA LEU A 329 0.38 -1.41 25.05
C LEU A 329 -0.74 -1.71 24.09
N TYR A 330 -0.47 -1.48 22.83
CA TYR A 330 -1.52 -1.46 21.83
C TYR A 330 -1.77 -2.84 21.27
N SER A 331 -0.84 -3.75 21.49
CA SER A 331 -1.09 -5.15 21.21
C SER A 331 -2.15 -5.61 22.19
N ILE A 332 -2.06 -5.11 23.41
CA ILE A 332 -3.02 -5.44 24.43
C ILE A 332 -4.39 -4.93 24.10
N SER A 333 -4.49 -3.62 23.90
CA SER A 333 -5.76 -3.03 23.55
C SER A 333 -6.22 -3.73 22.29
N GLY A 334 -5.31 -3.87 21.34
CA GLY A 334 -5.60 -4.54 20.08
C GLY A 334 -6.20 -5.92 20.23
N ASN A 335 -5.55 -6.74 21.04
CA ASN A 335 -6.01 -8.10 21.26
C ASN A 335 -7.47 -8.15 21.71
N VAL A 336 -7.81 -7.26 22.63
CA VAL A 336 -9.17 -7.18 23.15
C VAL A 336 -10.18 -7.03 22.04
N VAL A 337 -10.21 -5.87 21.41
CA VAL A 337 -11.23 -5.57 20.41
C VAL A 337 -11.24 -6.59 19.29
N TRP A 338 -10.07 -6.99 18.85
CA TRP A 338 -9.99 -7.97 17.79
C TRP A 338 -10.63 -9.26 18.22
N SER A 339 -10.21 -9.78 19.36
CA SER A 339 -10.71 -11.05 19.85
C SER A 339 -12.19 -10.97 20.16
N LEU A 340 -12.67 -9.77 20.41
CA LEU A 340 -14.09 -9.59 20.67
C LEU A 340 -14.84 -9.68 19.37
N GLU A 341 -14.10 -9.61 18.28
CA GLU A 341 -14.72 -9.60 16.96
C GLU A 341 -14.24 -10.75 16.09
N CYS A 342 -12.93 -10.97 16.04
CA CYS A 342 -12.33 -11.87 15.05
C CYS A 342 -13.19 -13.08 14.74
N PRO A 343 -13.52 -13.25 13.44
CA PRO A 343 -14.28 -14.40 12.99
C PRO A 343 -13.69 -15.68 13.51
N ARG A 344 -12.37 -15.65 13.71
CA ARG A 344 -11.68 -16.78 14.30
C ARG A 344 -12.35 -17.20 15.60
N TYR A 345 -12.52 -16.29 16.53
CA TYR A 345 -13.15 -16.69 17.78
C TYR A 345 -14.65 -16.48 17.69
N ASN A 346 -15.07 -15.67 16.73
CA ASN A 346 -16.49 -15.41 16.58
C ASN A 346 -16.95 -15.79 15.21
N PRO A 347 -17.37 -17.03 15.04
CA PRO A 347 -17.82 -17.60 13.77
C PRO A 347 -18.86 -16.72 13.11
N ASP A 348 -19.91 -16.41 13.85
CA ASP A 348 -21.04 -15.61 13.35
C ASP A 348 -20.60 -14.36 12.61
N VAL A 349 -19.39 -13.93 12.91
CA VAL A 349 -18.87 -12.71 12.33
C VAL A 349 -18.50 -12.97 10.87
N SER A 350 -18.92 -12.04 10.02
CA SER A 350 -18.62 -12.06 8.62
C SER A 350 -17.58 -10.98 8.31
N PHE A 351 -16.95 -11.08 7.14
CA PHE A 351 -15.95 -10.11 6.72
C PHE A 351 -16.51 -8.88 6.01
N ASN A 352 -15.60 -8.11 5.42
CA ASN A 352 -15.97 -6.98 4.56
C ASN A 352 -16.31 -7.41 3.18
N LYS A 353 -17.12 -6.58 2.53
CA LYS A 353 -17.26 -6.61 1.10
C LYS A 353 -15.85 -6.75 0.57
N THR A 354 -15.05 -5.75 0.90
CA THR A 354 -13.69 -5.65 0.46
C THR A 354 -12.90 -6.89 0.76
N GLN A 355 -13.04 -7.37 1.98
CA GLN A 355 -12.28 -8.52 2.43
C GLN A 355 -12.64 -9.73 1.63
N LEU A 356 -13.93 -9.90 1.42
CA LEU A 356 -14.43 -11.05 0.71
C LEU A 356 -14.11 -10.97 -0.78
N GLU A 357 -14.39 -9.82 -1.36
CA GLU A 357 -14.20 -9.61 -2.79
C GLU A 357 -12.80 -10.06 -3.22
N TRP A 358 -11.85 -9.96 -2.31
CA TRP A 358 -10.52 -10.47 -2.56
C TRP A 358 -10.41 -11.97 -2.34
N MET A 359 -11.11 -12.46 -1.32
CA MET A 359 -11.01 -13.87 -0.97
C MET A 359 -11.66 -14.74 -2.01
N ARG A 360 -12.83 -14.31 -2.47
CA ARG A 360 -13.55 -15.08 -3.46
C ARG A 360 -12.91 -14.91 -4.83
N GLN A 361 -12.77 -13.67 -5.27
CA GLN A 361 -12.31 -13.38 -6.61
C GLN A 361 -10.91 -12.84 -6.67
N GLY A 362 -10.74 -11.64 -6.14
CA GLY A 362 -9.54 -10.85 -6.37
C GLY A 362 -8.24 -11.36 -5.78
N LEU A 363 -7.41 -10.41 -5.38
CA LEU A 363 -6.06 -10.62 -4.87
C LEU A 363 -5.18 -11.02 -6.02
N GLU B 21 -13.16 -6.06 -15.94
CA GLU B 21 -13.71 -5.88 -14.60
C GLU B 21 -12.75 -5.14 -13.65
N PHE B 22 -13.28 -4.14 -12.95
CA PHE B 22 -12.49 -3.24 -12.10
C PHE B 22 -12.38 -3.77 -10.68
N LYS B 23 -11.22 -3.63 -10.05
CA LYS B 23 -11.11 -4.06 -8.66
C LYS B 23 -10.29 -3.14 -7.74
N TYR B 24 -9.85 -1.98 -8.21
CA TYR B 24 -9.06 -1.11 -7.35
C TYR B 24 -9.52 0.33 -7.32
N SER B 25 -10.65 0.61 -7.94
CA SER B 25 -11.07 1.97 -8.07
C SER B 25 -12.57 2.08 -7.99
N GLU B 26 -13.06 3.29 -7.82
CA GLU B 26 -14.47 3.54 -7.92
C GLU B 26 -14.73 4.78 -8.74
N VAL B 27 -15.93 4.91 -9.25
CA VAL B 27 -16.28 6.03 -10.12
C VAL B 27 -16.52 7.28 -9.32
N VAL B 28 -15.98 8.39 -9.80
CA VAL B 28 -16.19 9.66 -9.17
C VAL B 28 -17.53 10.28 -9.55
N GLU B 29 -18.22 10.81 -8.56
CA GLU B 29 -19.50 11.45 -8.76
C GLU B 29 -19.30 12.73 -9.57
N PRO B 30 -19.83 12.73 -10.79
CA PRO B 30 -19.70 13.79 -11.78
C PRO B 30 -20.11 15.15 -11.29
N SER B 31 -20.99 15.19 -10.30
CA SER B 31 -21.47 16.46 -9.80
C SER B 31 -20.35 17.22 -9.11
N THR B 32 -19.30 16.49 -8.74
CA THR B 32 -18.28 17.00 -7.86
C THR B 32 -17.02 17.49 -8.57
N TYR B 33 -17.06 17.59 -9.89
CA TYR B 33 -15.90 18.05 -10.60
C TYR B 33 -16.25 18.54 -11.99
N TYR B 34 -15.33 19.30 -12.57
CA TYR B 34 -15.47 19.83 -13.91
C TYR B 34 -14.60 19.04 -14.88
N THR B 35 -15.08 18.90 -16.13
CA THR B 35 -14.28 18.28 -17.17
C THR B 35 -14.12 19.24 -18.30
N GLU B 36 -14.94 20.28 -18.28
CA GLU B 36 -15.04 21.24 -19.38
C GLU B 36 -15.28 20.49 -20.68
N GLY B 37 -16.01 19.38 -20.58
CA GLY B 37 -16.48 18.62 -21.73
C GLY B 37 -15.35 18.07 -22.55
N LEU B 38 -14.29 17.64 -21.91
CA LEU B 38 -13.08 17.30 -22.63
C LEU B 38 -12.72 15.85 -22.51
N CYS B 39 -13.61 15.06 -21.94
CA CYS B 39 -13.41 13.62 -21.92
C CYS B 39 -14.79 13.04 -21.89
N GLU B 40 -15.61 13.61 -22.75
CA GLU B 40 -17.01 13.25 -22.83
C GLU B 40 -17.14 11.76 -23.11
N GLY B 41 -17.87 11.08 -22.24
CA GLY B 41 -18.21 9.69 -22.44
C GLY B 41 -17.32 8.73 -21.67
N ILE B 42 -16.53 9.28 -20.76
CA ILE B 42 -15.60 8.46 -19.99
C ILE B 42 -15.76 8.71 -18.52
N ASP B 43 -15.99 7.66 -17.75
CA ASP B 43 -16.12 7.82 -16.31
C ASP B 43 -14.80 8.25 -15.74
N VAL B 44 -14.85 8.94 -14.61
CA VAL B 44 -13.64 9.28 -13.89
C VAL B 44 -13.47 8.32 -12.77
N ARG B 45 -12.36 7.60 -12.75
CA ARG B 45 -12.16 6.63 -11.70
C ARG B 45 -10.91 6.89 -10.94
N LYS B 46 -10.98 6.63 -9.64
CA LYS B 46 -9.86 6.86 -8.72
C LYS B 46 -9.49 5.62 -7.91
N SER B 47 -8.20 5.36 -7.80
CA SER B 47 -7.69 4.23 -7.06
C SER B 47 -7.90 4.40 -5.56
N LYS B 48 -8.27 3.32 -4.88
CA LYS B 48 -8.57 3.40 -3.47
C LYS B 48 -7.33 3.58 -2.61
N PHE B 49 -6.17 3.37 -3.22
CA PHE B 49 -4.91 3.27 -2.50
C PHE B 49 -4.04 4.49 -2.75
N THR B 50 -4.68 5.62 -3.02
CA THR B 50 -3.96 6.77 -3.54
C THR B 50 -2.84 7.20 -2.63
N THR B 51 -2.87 6.75 -1.38
CA THR B 51 -1.84 7.10 -0.41
C THR B 51 -0.55 6.40 -0.74
N LEU B 52 -0.65 5.31 -1.51
CA LEU B 52 0.53 4.64 -1.99
C LEU B 52 1.25 5.47 -3.04
N GLU B 53 0.49 6.22 -3.83
CA GLU B 53 1.12 7.14 -4.77
C GLU B 53 1.85 8.20 -3.97
N ASP B 54 1.18 8.72 -2.95
CA ASP B 54 1.76 9.72 -2.08
C ASP B 54 3.12 9.25 -1.61
N ARG B 55 3.13 8.11 -0.93
CA ARG B 55 4.36 7.60 -0.34
C ARG B 55 5.40 7.23 -1.38
N GLY B 56 4.94 6.60 -2.45
CA GLY B 56 5.84 6.24 -3.52
C GLY B 56 6.50 7.46 -4.11
N ALA B 57 5.73 8.52 -4.30
CA ALA B 57 6.26 9.71 -4.93
C ALA B 57 7.23 10.45 -4.02
N ILE B 58 6.83 10.65 -2.78
CA ILE B 58 7.63 11.47 -1.89
C ILE B 58 8.98 10.84 -1.68
N ARG B 59 9.03 9.51 -1.66
CA ARG B 59 10.32 8.89 -1.48
C ARG B 59 11.24 9.24 -2.63
N ALA B 60 10.67 9.52 -3.79
CA ALA B 60 11.50 9.96 -4.91
C ALA B 60 12.04 11.34 -4.61
N HIS B 61 11.18 12.19 -4.06
CA HIS B 61 11.63 13.51 -3.65
C HIS B 61 12.83 13.35 -2.76
N GLU B 62 12.67 12.53 -1.73
CA GLU B 62 13.69 12.38 -0.72
C GLU B 62 15.01 11.88 -1.28
N ASP B 63 14.94 10.95 -2.23
CA ASP B 63 16.16 10.36 -2.78
C ASP B 63 16.85 11.32 -3.69
N TRP B 64 16.08 11.91 -4.59
CA TRP B 64 16.56 12.96 -5.46
C TRP B 64 17.32 13.95 -4.64
N ASN B 65 16.59 14.59 -3.74
CA ASN B 65 17.15 15.50 -2.77
C ASN B 65 18.42 14.98 -2.15
N LYS B 66 18.44 13.70 -1.84
CA LYS B 66 19.59 13.12 -1.20
C LYS B 66 20.75 12.92 -2.16
N HIS B 67 20.48 12.28 -3.28
CA HIS B 67 21.57 11.82 -4.11
C HIS B 67 21.95 12.79 -5.20
N ILE B 68 21.00 13.61 -5.64
CA ILE B 68 21.27 14.52 -6.73
C ILE B 68 20.40 15.76 -6.66
N GLY B 69 21.02 16.89 -6.36
CA GLY B 69 20.30 18.14 -6.28
C GLY B 69 19.31 18.13 -5.14
N PRO B 70 18.75 19.30 -4.83
CA PRO B 70 17.77 19.45 -3.75
C PRO B 70 16.38 19.12 -4.22
N CYS B 71 15.49 18.76 -3.30
CA CYS B 71 14.14 18.35 -3.66
C CYS B 71 13.24 18.43 -2.44
N ARG B 72 12.24 19.30 -2.51
CA ARG B 72 11.34 19.48 -1.38
C ARG B 72 10.10 20.19 -1.82
N GLU B 73 8.95 19.59 -1.51
CA GLU B 73 7.65 20.14 -1.86
C GLU B 73 7.62 20.37 -3.36
N TYR B 74 7.87 19.29 -4.08
CA TYR B 74 7.94 19.35 -5.53
C TYR B 74 6.57 19.24 -6.14
N ARG B 75 6.31 20.04 -7.17
CA ARG B 75 5.01 20.01 -7.81
C ARG B 75 4.99 19.08 -8.99
N GLY B 76 4.73 17.80 -8.71
CA GLY B 76 4.65 16.79 -9.75
C GLY B 76 3.32 16.06 -9.80
N THR B 77 3.39 14.74 -9.64
CA THR B 77 2.26 13.85 -9.84
C THR B 77 1.18 13.97 -8.76
N LEU B 78 1.55 14.46 -7.59
CA LEU B 78 0.65 14.48 -6.45
C LEU B 78 -0.40 15.56 -6.56
N GLY B 79 -1.57 15.30 -5.99
CA GLY B 79 -2.63 16.27 -5.94
C GLY B 79 -3.33 16.18 -4.60
N PRO B 80 -3.97 17.26 -4.17
CA PRO B 80 -4.68 17.25 -2.89
C PRO B 80 -5.71 16.13 -2.84
N ARG B 81 -6.50 15.95 -3.90
CA ARG B 81 -7.43 14.82 -3.95
C ARG B 81 -7.25 13.98 -5.21
N PHE B 82 -6.86 14.63 -6.30
CA PHE B 82 -6.59 13.93 -7.55
C PHE B 82 -5.09 13.84 -7.78
N SER B 83 -4.48 12.79 -7.27
CA SER B 83 -3.10 12.54 -7.61
C SER B 83 -3.13 11.82 -8.92
N PHE B 84 -2.09 12.00 -9.72
CA PHE B 84 -2.19 11.67 -11.12
C PHE B 84 -2.38 10.20 -11.44
N ILE B 85 -1.38 9.40 -11.11
CA ILE B 85 -1.45 7.99 -11.40
C ILE B 85 -2.72 7.35 -10.87
N SER B 86 -3.13 7.74 -9.68
CA SER B 86 -4.31 7.17 -9.06
C SER B 86 -5.54 7.29 -9.92
N VAL B 87 -5.55 8.26 -10.81
CA VAL B 87 -6.75 8.58 -11.56
C VAL B 87 -6.55 8.34 -13.05
N ALA B 88 -5.29 8.42 -13.48
CA ALA B 88 -4.96 8.16 -14.86
C ALA B 88 -4.61 6.70 -15.02
N VAL B 89 -4.41 6.02 -13.90
CA VAL B 89 -4.20 4.58 -13.89
C VAL B 89 -4.96 3.99 -12.70
N PRO B 90 -6.28 4.17 -12.68
CA PRO B 90 -7.05 3.82 -11.50
C PRO B 90 -6.92 2.37 -11.06
N GLU B 91 -6.62 1.46 -11.97
CA GLU B 91 -6.58 0.05 -11.61
C GLU B 91 -5.18 -0.51 -11.50
N CYS B 92 -4.22 0.32 -11.15
CA CYS B 92 -2.86 -0.17 -10.95
C CYS B 92 -2.87 -1.20 -9.84
N ILE B 93 -2.04 -2.23 -10.00
CA ILE B 93 -1.88 -3.24 -8.97
C ILE B 93 -1.19 -2.66 -7.75
N PRO B 94 -1.90 -2.62 -6.62
CA PRO B 94 -1.50 -2.03 -5.35
C PRO B 94 -0.05 -2.29 -4.96
N GLU B 95 0.47 -3.46 -5.25
CA GLU B 95 1.84 -3.76 -4.90
C GLU B 95 2.76 -3.00 -5.83
N ARG B 96 2.22 -2.52 -6.94
CA ARG B 96 3.03 -1.82 -7.90
C ARG B 96 2.80 -0.33 -7.82
N LEU B 97 1.77 0.06 -7.10
CA LEU B 97 1.37 1.45 -7.08
C LEU B 97 2.51 2.40 -6.74
N GLU B 98 3.20 2.14 -5.63
CA GLU B 98 4.29 3.01 -5.18
C GLU B 98 5.36 3.15 -6.22
N VAL B 99 6.01 2.04 -6.46
CA VAL B 99 7.04 1.88 -7.47
C VAL B 99 6.70 2.64 -8.74
N ILE B 100 5.51 2.40 -9.23
CA ILE B 100 5.00 3.10 -10.38
C ILE B 100 4.97 4.61 -10.14
N SER B 101 4.29 5.03 -9.07
CA SER B 101 4.21 6.46 -8.74
C SER B 101 5.60 7.00 -8.54
N TYR B 102 6.43 6.17 -7.90
CA TYR B 102 7.83 6.49 -7.75
C TYR B 102 8.41 6.82 -9.11
N ALA B 103 8.20 5.91 -10.05
CA ALA B 103 8.71 6.08 -11.41
C ALA B 103 8.20 7.36 -12.01
N ASN B 104 6.91 7.61 -11.80
CA ASN B 104 6.28 8.76 -12.39
C ASN B 104 7.01 10.02 -11.98
N GLU B 105 7.00 10.32 -10.70
CA GLU B 105 7.54 11.59 -10.18
C GLU B 105 8.95 11.80 -10.67
N PHE B 106 9.66 10.69 -10.85
CA PHE B 106 11.00 10.73 -11.37
C PHE B 106 11.08 11.28 -12.78
N ALA B 107 10.23 10.77 -13.66
CA ALA B 107 10.19 11.22 -15.03
C ALA B 107 9.88 12.70 -15.06
N PHE B 108 9.03 13.11 -14.15
CA PHE B 108 8.70 14.51 -13.99
C PHE B 108 9.94 15.32 -13.80
N LEU B 109 10.75 14.86 -12.86
CA LEU B 109 12.01 15.50 -12.53
C LEU B 109 12.91 15.62 -13.74
N HIS B 110 12.81 14.59 -14.58
CA HIS B 110 13.81 14.35 -15.60
C HIS B 110 13.31 15.12 -16.76
N ASP B 111 12.09 15.60 -16.58
CA ASP B 111 11.47 16.45 -17.60
C ASP B 111 11.78 17.92 -17.34
N ASP B 112 11.72 18.29 -16.06
CA ASP B 112 11.96 19.67 -15.64
C ASP B 112 13.39 20.05 -15.97
N VAL B 113 14.29 19.10 -15.77
CA VAL B 113 15.69 19.29 -16.13
C VAL B 113 15.74 19.51 -17.63
N THR B 114 14.92 18.77 -18.37
CA THR B 114 14.87 18.91 -19.80
C THR B 114 14.11 20.06 -20.44
N ASP B 115 13.24 20.69 -19.66
CA ASP B 115 12.62 21.96 -20.03
C ASP B 115 12.72 22.97 -18.90
N ALA B 153 29.56 14.85 -11.96
CA ALA B 153 29.26 14.23 -10.67
C ALA B 153 27.81 13.76 -10.62
N GLY B 154 26.93 14.54 -11.22
CA GLY B 154 25.56 14.16 -11.07
C GLY B 154 25.73 12.76 -11.56
N LYS B 155 25.40 11.86 -10.67
CA LYS B 155 25.19 10.46 -10.93
C LYS B 155 23.85 9.94 -10.46
N LYS B 156 23.03 9.54 -11.41
CA LYS B 156 21.67 9.11 -11.13
C LYS B 156 21.47 7.68 -11.56
N ARG B 157 22.55 7.07 -12.03
CA ARG B 157 22.48 5.73 -12.56
C ARG B 157 22.18 4.78 -11.41
N ILE B 158 22.40 5.26 -10.19
CA ILE B 158 22.06 4.51 -8.99
C ILE B 158 20.62 4.09 -9.05
N GLN B 159 19.82 4.95 -9.67
CA GLN B 159 18.40 4.70 -9.87
C GLN B 159 18.24 3.61 -10.92
N SER B 160 18.91 2.52 -10.62
CA SER B 160 18.74 1.25 -11.28
C SER B 160 18.29 0.36 -10.14
N GLN B 161 18.54 0.88 -8.94
CA GLN B 161 18.00 0.28 -7.72
C GLN B 161 16.50 0.16 -7.87
N LEU B 162 15.92 1.08 -8.61
CA LEU B 162 14.52 1.01 -8.98
C LEU B 162 14.20 -0.30 -9.68
N PHE B 163 14.86 -0.50 -10.81
CA PHE B 163 14.69 -1.69 -11.60
C PHE B 163 14.74 -2.92 -10.70
N LEU B 164 15.67 -2.92 -9.77
CA LEU B 164 15.79 -3.99 -8.80
C LEU B 164 14.47 -4.36 -8.17
N GLU B 165 13.97 -3.47 -7.33
CA GLU B 165 12.68 -3.67 -6.73
C GLU B 165 11.68 -3.97 -7.83
N MET B 166 11.80 -3.23 -8.92
CA MET B 166 10.91 -3.39 -10.05
C MET B 166 10.99 -4.78 -10.65
N LEU B 167 12.20 -5.30 -10.71
CA LEU B 167 12.41 -6.64 -11.21
C LEU B 167 11.87 -7.65 -10.24
N ALA B 168 12.19 -7.44 -8.97
CA ALA B 168 11.78 -8.33 -7.91
C ALA B 168 10.29 -8.62 -7.93
N ILE B 169 9.51 -7.65 -8.42
CA ILE B 169 8.07 -7.81 -8.43
C ILE B 169 7.63 -8.68 -9.60
N ASP B 170 7.41 -8.07 -10.75
CA ASP B 170 7.11 -8.84 -11.94
C ASP B 170 8.28 -8.71 -12.87
N PRO B 171 9.11 -9.74 -12.88
CA PRO B 171 10.30 -9.77 -13.73
C PRO B 171 9.95 -9.54 -15.18
N GLU B 172 9.25 -10.49 -15.79
CA GLU B 172 8.98 -10.46 -17.23
C GLU B 172 8.31 -9.17 -17.66
N CYS B 173 7.44 -8.63 -16.83
CA CYS B 173 6.89 -7.33 -17.11
C CYS B 173 8.00 -6.31 -17.05
N ALA B 174 8.73 -6.35 -15.94
CA ALA B 174 9.75 -5.34 -15.68
C ALA B 174 10.68 -5.20 -16.86
N LYS B 175 11.10 -6.32 -17.42
CA LYS B 175 12.05 -6.30 -18.52
C LYS B 175 11.53 -5.51 -19.72
N THR B 176 10.32 -5.85 -20.14
CA THR B 176 9.71 -5.21 -21.28
C THR B 176 9.65 -3.71 -21.09
N THR B 177 9.46 -3.30 -19.85
CA THR B 177 9.22 -1.91 -19.56
C THR B 177 10.45 -1.06 -19.85
N MET B 178 11.57 -1.46 -19.28
CA MET B 178 12.81 -0.71 -19.48
C MET B 178 13.21 -0.81 -20.93
N LYS B 179 12.97 -1.97 -21.50
CA LYS B 179 13.15 -2.17 -22.92
C LYS B 179 12.47 -1.04 -23.65
N SER B 180 11.24 -0.77 -23.26
CA SER B 180 10.47 0.27 -23.92
C SER B 180 11.11 1.60 -23.59
N TRP B 181 11.45 1.76 -22.32
CA TRP B 181 12.02 3.00 -21.87
C TRP B 181 13.31 3.29 -22.57
N ALA B 182 14.01 2.23 -22.94
CA ALA B 182 15.23 2.37 -23.72
C ALA B 182 14.96 3.29 -24.88
N ARG B 183 14.05 2.88 -25.75
CA ARG B 183 13.64 3.69 -26.89
C ARG B 183 13.35 5.11 -26.47
N PHE B 184 12.58 5.28 -25.40
CA PHE B 184 12.24 6.61 -24.93
C PHE B 184 13.48 7.39 -24.49
N VAL B 185 14.26 6.79 -23.60
CA VAL B 185 15.43 7.47 -23.04
C VAL B 185 16.54 7.63 -24.09
N GLU B 186 16.60 6.70 -25.03
CA GLU B 186 17.69 6.70 -26.00
C GLU B 186 17.33 7.33 -27.35
N VAL B 187 16.04 7.36 -27.70
CA VAL B 187 15.63 8.12 -28.87
C VAL B 187 15.12 9.48 -28.38
N GLY B 188 15.19 9.68 -27.07
CA GLY B 188 15.01 10.98 -26.49
C GLY B 188 16.23 11.84 -26.77
N SER B 189 17.41 11.22 -26.81
CA SER B 189 18.66 11.96 -27.05
C SER B 189 19.18 11.82 -28.49
N SER B 190 18.30 11.70 -29.46
CA SER B 190 18.61 12.22 -30.78
C SER B 190 17.94 13.57 -30.69
N ARG B 191 18.62 14.64 -31.10
CA ARG B 191 18.32 16.04 -30.74
C ARG B 191 18.78 16.32 -29.32
N GLU B 194 16.91 23.03 -30.15
CA GLU B 194 15.46 23.14 -30.00
C GLU B 194 14.79 22.87 -31.36
N THR B 195 13.48 22.94 -31.39
CA THR B 195 12.75 22.76 -32.64
C THR B 195 11.65 23.77 -32.78
N ARG B 196 11.68 24.53 -33.86
CA ARG B 196 10.64 25.52 -34.13
C ARG B 196 9.68 24.98 -35.17
N PHE B 197 8.56 24.43 -34.71
CA PHE B 197 7.48 24.02 -35.60
C PHE B 197 6.53 25.19 -35.83
N VAL B 198 5.94 25.28 -37.02
CA VAL B 198 4.90 26.27 -37.28
C VAL B 198 3.70 25.58 -37.89
N GLU B 199 3.81 24.28 -38.04
CA GLU B 199 2.72 23.48 -38.57
C GLU B 199 2.40 22.40 -37.56
N LEU B 200 1.13 22.30 -37.20
CA LEU B 200 0.72 21.40 -36.16
C LEU B 200 0.93 19.93 -36.53
N ALA B 201 0.56 19.61 -37.75
CA ALA B 201 0.71 18.26 -38.24
C ALA B 201 2.15 17.77 -38.09
N LYS B 202 3.12 18.66 -38.18
CA LYS B 202 4.50 18.28 -37.91
C LYS B 202 4.76 18.11 -36.42
N TYR B 203 4.15 18.98 -35.62
CA TYR B 203 4.41 19.03 -34.19
C TYR B 203 3.93 17.77 -33.52
N ILE B 204 2.78 17.32 -33.95
CA ILE B 204 2.14 16.19 -33.30
C ILE B 204 3.05 14.96 -33.23
N PRO B 205 3.49 14.42 -34.38
CA PRO B 205 4.26 13.19 -34.29
C PRO B 205 5.54 13.33 -33.49
N TYR B 206 6.01 14.55 -33.29
CA TYR B 206 7.18 14.79 -32.47
C TYR B 206 6.79 14.74 -31.01
N ARG B 207 5.84 15.60 -30.65
CA ARG B 207 5.45 15.74 -29.26
C ARG B 207 4.87 14.43 -28.77
N ILE B 208 4.26 13.67 -29.68
CA ILE B 208 3.67 12.39 -29.35
C ILE B 208 4.59 11.47 -28.56
N MET B 209 5.89 11.55 -28.83
CA MET B 209 6.83 10.73 -28.08
C MET B 209 7.54 11.60 -27.07
N ASP B 210 7.43 12.92 -27.25
CA ASP B 210 7.98 13.89 -26.29
C ASP B 210 7.13 13.95 -25.03
N VAL B 211 5.98 13.32 -25.08
CA VAL B 211 5.10 13.30 -23.93
C VAL B 211 5.13 11.87 -23.38
N GLY B 212 6.14 11.14 -23.83
CA GLY B 212 6.49 9.88 -23.24
C GLY B 212 5.47 8.84 -23.58
N GLU B 213 5.34 8.59 -24.86
CA GLU B 213 4.43 7.58 -25.31
C GLU B 213 4.92 6.23 -24.83
N MET B 214 6.12 5.91 -25.26
CA MET B 214 6.71 4.63 -24.96
C MET B 214 6.85 4.51 -23.47
N PHE B 215 7.18 5.63 -22.85
CA PHE B 215 7.28 5.68 -21.40
C PHE B 215 6.00 5.24 -20.77
N TRP B 216 4.93 5.94 -21.11
CA TRP B 216 3.62 5.66 -20.59
C TRP B 216 3.29 4.21 -20.77
N PHE B 217 3.54 3.73 -21.96
CA PHE B 217 3.35 2.34 -22.28
C PHE B 217 3.99 1.43 -21.26
N GLY B 218 5.31 1.55 -21.13
CA GLY B 218 6.04 0.67 -20.23
C GLY B 218 5.47 0.73 -18.83
N LEU B 219 5.25 1.95 -18.35
CA LEU B 219 4.71 2.16 -17.03
C LEU B 219 3.42 1.41 -16.85
N VAL B 220 2.50 1.66 -17.76
CA VAL B 220 1.14 1.17 -17.63
C VAL B 220 1.02 -0.35 -17.65
N THR B 221 1.62 -0.95 -18.66
CA THR B 221 1.69 -2.38 -18.75
C THR B 221 2.06 -2.97 -17.43
N PHE B 222 3.09 -2.39 -16.82
CA PHE B 222 3.63 -2.95 -15.61
C PHE B 222 2.62 -2.88 -14.50
N GLY B 223 2.15 -1.67 -14.22
CA GLY B 223 1.24 -1.43 -13.11
C GLY B 223 0.02 -2.33 -13.20
N LEU B 224 -0.28 -2.73 -14.43
CA LEU B 224 -1.41 -3.60 -14.69
C LEU B 224 -0.95 -5.00 -14.99
N GLY B 225 0.37 -5.17 -15.01
CA GLY B 225 0.95 -6.48 -15.25
C GLY B 225 0.42 -7.11 -16.51
N LEU B 226 0.47 -6.36 -17.61
CA LEU B 226 0.02 -6.85 -18.90
C LEU B 226 1.17 -7.37 -19.73
N HIS B 227 0.91 -8.47 -20.44
CA HIS B 227 1.89 -9.03 -21.35
C HIS B 227 1.32 -9.03 -22.75
N ILE B 228 1.84 -8.15 -23.59
CA ILE B 228 1.28 -8.02 -24.90
C ILE B 228 2.20 -8.59 -25.96
N PRO B 229 1.61 -9.37 -26.87
CA PRO B 229 2.25 -10.00 -28.01
C PRO B 229 3.14 -9.04 -28.77
N ASP B 230 4.33 -9.47 -29.09
CA ASP B 230 5.30 -8.60 -29.73
C ASP B 230 4.87 -8.19 -31.14
N HIS B 231 3.96 -8.96 -31.72
CA HIS B 231 3.44 -8.60 -33.02
C HIS B 231 2.40 -7.52 -32.88
N GLU B 232 1.86 -7.37 -31.68
CA GLU B 232 0.79 -6.42 -31.46
C GLU B 232 1.34 -5.06 -31.10
N LEU B 233 2.63 -5.04 -30.80
CA LEU B 233 3.27 -3.81 -30.38
C LEU B 233 2.95 -2.72 -31.38
N GLU B 234 3.18 -3.03 -32.65
CA GLU B 234 3.02 -2.04 -33.70
C GLU B 234 1.61 -1.51 -33.76
N LEU B 235 0.66 -2.39 -33.98
CA LEU B 235 -0.75 -2.03 -34.08
C LEU B 235 -1.20 -1.23 -32.88
N CYS B 236 -0.82 -1.74 -31.72
CA CYS B 236 -1.17 -1.10 -30.47
C CYS B 236 -0.82 0.36 -30.48
N ARG B 237 0.42 0.67 -30.84
CA ARG B 237 0.89 2.04 -30.96
C ARG B 237 -0.11 2.88 -31.73
N GLU B 238 -0.65 2.30 -32.80
CA GLU B 238 -1.39 3.06 -33.77
C GLU B 238 -2.81 3.34 -33.30
N LEU B 239 -3.25 2.57 -32.33
CA LEU B 239 -4.59 2.74 -31.76
C LEU B 239 -4.66 3.83 -30.72
N MET B 240 -3.64 3.89 -29.87
CA MET B 240 -3.53 4.91 -28.85
C MET B 240 -3.69 6.30 -29.42
N ALA B 241 -3.22 6.44 -30.66
CA ALA B 241 -3.16 7.70 -31.37
C ALA B 241 -4.19 8.71 -30.92
N ASN B 242 -5.45 8.51 -31.30
CA ASN B 242 -6.51 9.43 -30.95
C ASN B 242 -6.49 9.75 -29.47
N ALA B 243 -6.34 8.73 -28.65
CA ALA B 243 -6.22 8.93 -27.22
C ALA B 243 -4.99 9.76 -26.94
N TRP B 244 -3.85 9.18 -27.28
CA TRP B 244 -2.58 9.76 -26.91
C TRP B 244 -2.45 11.18 -27.41
N ILE B 245 -3.08 11.46 -28.54
CA ILE B 245 -3.09 12.82 -29.07
C ILE B 245 -3.81 13.77 -28.15
N ALA B 246 -5.05 13.42 -27.84
CA ALA B 246 -5.88 14.28 -27.05
C ALA B 246 -5.18 14.71 -25.76
N VAL B 247 -4.51 13.79 -25.09
CA VAL B 247 -3.85 14.12 -23.84
C VAL B 247 -2.70 15.09 -24.04
N GLY B 248 -2.04 15.06 -25.20
CA GLY B 248 -0.91 15.92 -25.41
C GLY B 248 -1.40 17.33 -25.52
N LEU B 249 -2.45 17.48 -26.31
CA LEU B 249 -3.11 18.75 -26.51
C LEU B 249 -3.62 19.26 -25.21
N GLN B 250 -3.89 18.33 -24.32
CA GLN B 250 -4.35 18.69 -22.99
C GLN B 250 -3.23 19.31 -22.17
N ASN B 251 -2.15 18.56 -21.95
CA ASN B 251 -1.05 19.07 -21.16
C ASN B 251 -0.60 20.39 -21.72
N ASP B 252 -0.62 20.50 -23.04
CA ASP B 252 -0.17 21.72 -23.67
C ASP B 252 -1.06 22.87 -23.27
N ILE B 253 -2.35 22.60 -23.23
CA ILE B 253 -3.34 23.59 -22.80
C ILE B 253 -3.11 24.01 -21.36
N TRP B 254 -2.76 23.04 -20.52
CA TRP B 254 -2.61 23.32 -19.11
C TRP B 254 -1.18 23.55 -18.68
N SER B 255 -0.21 22.95 -19.36
CA SER B 255 1.17 23.23 -19.00
C SER B 255 1.58 24.51 -19.70
N TRP B 256 0.62 25.15 -20.35
CA TRP B 256 0.92 26.29 -21.19
C TRP B 256 1.57 27.47 -20.43
N PRO B 257 0.92 28.04 -19.39
CA PRO B 257 1.56 29.17 -18.73
C PRO B 257 2.91 28.80 -18.16
N LYS B 258 2.95 27.68 -17.46
CA LYS B 258 4.19 27.09 -17.01
C LYS B 258 5.23 27.24 -18.09
N GLU B 259 4.96 26.62 -19.22
CA GLU B 259 5.89 26.57 -20.32
C GLU B 259 6.03 27.94 -20.97
N ARG B 260 4.93 28.67 -21.07
CA ARG B 260 4.98 30.02 -21.59
C ARG B 260 6.00 30.82 -20.84
N ASP B 261 5.74 31.02 -19.56
CA ASP B 261 6.60 31.80 -18.70
C ASP B 261 8.03 31.29 -18.79
N ALA B 262 8.19 29.98 -18.65
CA ALA B 262 9.52 29.40 -18.67
C ALA B 262 10.28 29.82 -19.90
N ALA B 263 9.58 29.95 -21.02
CA ALA B 263 10.22 30.37 -22.24
C ALA B 263 10.66 31.81 -22.12
N THR B 264 9.73 32.65 -21.70
CA THR B 264 10.02 34.07 -21.53
C THR B 264 11.15 34.21 -20.52
N LEU B 265 11.15 33.39 -19.49
CA LEU B 265 12.22 33.36 -18.52
C LEU B 265 13.54 33.17 -19.23
N HIS B 266 13.53 32.34 -20.25
CA HIS B 266 14.73 32.09 -21.01
C HIS B 266 14.79 32.97 -22.22
N GLY B 267 13.83 33.88 -22.34
CA GLY B 267 13.84 34.85 -23.41
C GLY B 267 13.78 34.25 -24.79
N LYS B 268 13.12 33.11 -24.90
CA LYS B 268 12.93 32.51 -26.21
C LYS B 268 11.74 33.12 -26.93
N ASP B 269 11.85 33.18 -28.25
CA ASP B 269 10.82 33.76 -29.09
C ASP B 269 9.71 32.74 -29.33
N HIS B 270 10.04 31.48 -29.06
CA HIS B 270 9.15 30.36 -29.36
C HIS B 270 8.88 29.52 -28.12
N VAL B 271 7.81 28.75 -28.15
CA VAL B 271 7.48 27.82 -27.07
C VAL B 271 7.18 26.43 -27.60
N VAL B 272 7.79 25.41 -27.02
CA VAL B 272 7.54 24.03 -27.43
C VAL B 272 6.20 23.56 -26.87
N ASN B 273 5.13 24.14 -27.42
CA ASN B 273 3.78 23.87 -26.97
C ASN B 273 2.81 24.16 -28.10
N ALA B 274 1.75 23.37 -28.17
CA ALA B 274 0.83 23.41 -29.29
C ALA B 274 0.24 24.78 -29.51
N ILE B 275 0.05 25.51 -28.41
CA ILE B 275 -0.58 26.80 -28.49
C ILE B 275 0.23 27.75 -29.36
N TRP B 276 1.54 27.77 -29.14
CA TRP B 276 2.40 28.69 -29.85
C TRP B 276 2.35 28.36 -31.32
N VAL B 277 2.38 27.07 -31.62
CA VAL B 277 2.28 26.57 -32.98
C VAL B 277 1.05 27.08 -33.70
N LEU B 278 -0.08 26.90 -33.04
CA LEU B 278 -1.37 27.33 -33.55
C LEU B 278 -1.41 28.81 -33.81
N MET B 279 -0.92 29.57 -32.84
CA MET B 279 -0.82 30.98 -33.01
C MET B 279 -0.06 31.22 -34.30
N GLN B 280 1.13 30.62 -34.41
CA GLN B 280 1.94 30.81 -35.60
C GLN B 280 1.23 30.25 -36.81
N GLU B 281 0.70 29.04 -36.69
CA GLU B 281 0.12 28.38 -37.85
C GLU B 281 -1.06 29.14 -38.39
N HIS B 282 -1.91 29.62 -37.49
CA HIS B 282 -3.14 30.28 -37.89
C HIS B 282 -3.06 31.80 -37.83
N GLN B 283 -1.87 32.35 -37.57
CA GLN B 283 -1.71 33.78 -37.29
C GLN B 283 -2.85 34.24 -36.40
N THR B 284 -3.00 33.59 -35.25
CA THR B 284 -4.07 33.93 -34.31
C THR B 284 -3.44 34.27 -32.96
N ASP B 285 -4.25 34.75 -32.00
CA ASP B 285 -3.78 35.11 -30.67
C ASP B 285 -3.98 33.96 -29.73
N VAL B 286 -3.72 34.22 -28.45
CA VAL B 286 -3.70 33.19 -27.45
C VAL B 286 -5.08 32.57 -27.30
N ASP B 287 -6.10 33.39 -27.05
CA ASP B 287 -7.46 32.87 -26.89
C ASP B 287 -7.91 32.05 -28.11
N GLY B 288 -7.71 32.60 -29.30
CA GLY B 288 -8.12 31.91 -30.50
C GLY B 288 -7.46 30.56 -30.63
N ALA B 289 -6.20 30.48 -30.21
CA ALA B 289 -5.47 29.24 -30.27
C ALA B 289 -6.10 28.20 -29.36
N MET B 290 -6.32 28.58 -28.11
CA MET B 290 -6.98 27.73 -27.15
C MET B 290 -8.29 27.22 -27.70
N GLN B 291 -9.12 28.16 -28.13
CA GLN B 291 -10.40 27.83 -28.71
C GLN B 291 -10.27 26.74 -29.74
N ILE B 292 -9.27 26.86 -30.60
CA ILE B 292 -9.06 25.87 -31.64
C ILE B 292 -8.63 24.58 -31.02
N CYS B 293 -7.66 24.69 -30.12
CA CYS B 293 -7.09 23.53 -29.48
C CYS B 293 -8.14 22.68 -28.81
N ARG B 294 -9.03 23.35 -28.10
CA ARG B 294 -10.07 22.65 -27.36
C ARG B 294 -10.98 21.88 -28.30
N LYS B 295 -11.49 22.58 -29.30
CA LYS B 295 -12.35 21.99 -30.31
C LYS B 295 -11.82 20.64 -30.76
N LEU B 296 -10.54 20.62 -31.09
CA LEU B 296 -9.92 19.42 -31.61
C LEU B 296 -9.87 18.31 -30.61
N ILE B 297 -9.53 18.66 -29.39
CA ILE B 297 -9.40 17.67 -28.34
C ILE B 297 -10.68 16.86 -28.28
N VAL B 298 -11.79 17.55 -28.21
CA VAL B 298 -13.10 16.93 -28.27
C VAL B 298 -13.17 15.93 -29.40
N GLU B 299 -12.69 16.36 -30.57
CA GLU B 299 -12.74 15.53 -31.74
C GLU B 299 -11.97 14.24 -31.52
N TYR B 300 -10.76 14.37 -31.01
CA TYR B 300 -9.96 13.17 -30.84
C TYR B 300 -10.55 12.24 -29.83
N VAL B 301 -11.11 12.80 -28.77
CA VAL B 301 -11.78 12.00 -27.77
C VAL B 301 -12.80 11.10 -28.43
N ALA B 302 -13.71 11.72 -29.15
CA ALA B 302 -14.71 10.96 -29.86
C ALA B 302 -14.07 9.91 -30.74
N LYS B 303 -13.01 10.31 -31.44
CA LYS B 303 -12.36 9.42 -32.39
C LYS B 303 -11.92 8.15 -31.73
N TYR B 304 -11.30 8.28 -30.58
CA TYR B 304 -10.75 7.13 -29.90
C TYR B 304 -11.84 6.18 -29.44
N LEU B 305 -12.93 6.76 -29.00
CA LEU B 305 -14.04 5.95 -28.56
C LEU B 305 -14.61 5.19 -29.73
N GLU B 306 -14.69 5.86 -30.86
CA GLU B 306 -15.11 5.20 -32.07
C GLU B 306 -14.21 4.01 -32.32
N VAL B 307 -12.91 4.25 -32.27
CA VAL B 307 -11.94 3.19 -32.44
C VAL B 307 -12.22 2.08 -31.45
N ILE B 308 -12.48 2.45 -30.21
CA ILE B 308 -12.86 1.47 -29.22
C ILE B 308 -14.04 0.63 -29.70
N GLU B 309 -15.05 1.29 -30.22
CA GLU B 309 -16.21 0.59 -30.70
C GLU B 309 -15.85 -0.44 -31.75
N ALA B 310 -14.90 -0.13 -32.61
CA ALA B 310 -14.63 -1.02 -33.73
C ALA B 310 -14.01 -2.32 -33.24
N THR B 311 -13.14 -2.18 -32.25
CA THR B 311 -12.46 -3.32 -31.68
C THR B 311 -13.42 -4.37 -31.20
N LYS B 312 -14.58 -3.91 -30.75
CA LYS B 312 -15.60 -4.81 -30.25
C LYS B 312 -15.84 -5.93 -31.25
N ASN B 313 -16.10 -5.54 -32.49
CA ASN B 313 -16.29 -6.53 -33.52
C ASN B 313 -14.97 -6.98 -34.10
N ASP B 314 -14.07 -7.44 -33.25
CA ASP B 314 -12.80 -7.95 -33.75
C ASP B 314 -12.14 -8.89 -32.77
N GLU B 315 -12.07 -10.16 -33.15
CA GLU B 315 -11.68 -11.22 -32.24
C GLU B 315 -10.21 -11.54 -32.37
N SER B 316 -9.57 -10.86 -33.31
CA SER B 316 -8.15 -11.01 -33.54
C SER B 316 -7.35 -10.29 -32.47
N ILE B 317 -8.06 -9.69 -31.53
CA ILE B 317 -7.45 -8.77 -30.60
C ILE B 317 -7.20 -9.36 -29.23
N SER B 318 -5.95 -9.30 -28.77
CA SER B 318 -5.59 -9.74 -27.42
C SER B 318 -6.55 -9.24 -26.39
N LEU B 319 -6.79 -10.03 -25.37
CA LEU B 319 -7.48 -9.52 -24.20
C LEU B 319 -6.64 -8.43 -23.56
N ASP B 320 -5.35 -8.70 -23.44
CA ASP B 320 -4.44 -7.74 -22.85
C ASP B 320 -4.47 -6.42 -23.59
N LEU B 321 -4.54 -6.49 -24.92
CA LEU B 321 -4.67 -5.26 -25.68
C LEU B 321 -6.00 -4.58 -25.38
N ARG B 322 -7.05 -5.37 -25.26
CA ARG B 322 -8.37 -4.80 -24.99
C ARG B 322 -8.31 -4.05 -23.68
N LYS B 323 -7.66 -4.67 -22.71
CA LYS B 323 -7.44 -4.07 -21.41
C LYS B 323 -6.61 -2.79 -21.51
N TYR B 324 -5.54 -2.84 -22.28
CA TYR B 324 -4.72 -1.65 -22.50
C TYR B 324 -5.55 -0.52 -23.05
N LEU B 325 -6.33 -0.81 -24.07
CA LEU B 325 -7.16 0.21 -24.68
C LEU B 325 -8.04 0.82 -23.64
N ASP B 326 -8.70 -0.05 -22.89
CA ASP B 326 -9.63 0.39 -21.88
C ASP B 326 -8.95 1.33 -20.92
N ALA B 327 -7.69 1.06 -20.62
CA ALA B 327 -6.95 1.88 -19.68
C ALA B 327 -6.80 3.29 -20.19
N MET B 328 -6.60 3.42 -21.50
CA MET B 328 -6.43 4.73 -22.11
C MET B 328 -7.56 5.63 -21.75
N LEU B 329 -8.76 5.08 -21.79
CA LEU B 329 -9.96 5.81 -21.46
C LEU B 329 -9.76 6.64 -20.20
N TYR B 330 -9.08 6.07 -19.23
CA TYR B 330 -9.03 6.68 -17.93
C TYR B 330 -7.77 7.48 -17.74
N SER B 331 -6.78 7.21 -18.58
CA SER B 331 -5.63 8.08 -18.69
C SER B 331 -6.14 9.44 -19.09
N ILE B 332 -7.12 9.42 -19.97
CA ILE B 332 -7.76 10.63 -20.42
C ILE B 332 -8.52 11.30 -19.28
N SER B 333 -9.59 10.64 -18.83
CA SER B 333 -10.39 11.14 -17.74
C SER B 333 -9.48 11.56 -16.60
N GLY B 334 -8.53 10.69 -16.28
CA GLY B 334 -7.57 10.99 -15.24
C GLY B 334 -6.86 12.30 -15.52
N ASN B 335 -6.44 12.46 -16.76
CA ASN B 335 -5.64 13.61 -17.12
C ASN B 335 -6.37 14.91 -16.90
N VAL B 336 -7.65 14.91 -17.27
CA VAL B 336 -8.44 16.11 -17.22
C VAL B 336 -8.60 16.62 -15.80
N VAL B 337 -9.17 15.79 -14.95
CA VAL B 337 -9.42 16.18 -13.58
C VAL B 337 -8.14 16.47 -12.84
N TRP B 338 -7.07 15.79 -13.21
CA TRP B 338 -5.81 15.95 -12.51
C TRP B 338 -5.26 17.33 -12.79
N SER B 339 -5.02 17.60 -14.05
CA SER B 339 -4.41 18.85 -14.47
C SER B 339 -5.29 20.06 -14.17
N LEU B 340 -6.58 19.83 -14.01
CA LEU B 340 -7.46 20.92 -13.64
C LEU B 340 -7.14 21.38 -12.25
N GLU B 341 -6.61 20.48 -11.43
CA GLU B 341 -6.37 20.79 -10.04
C GLU B 341 -4.94 20.53 -9.67
N CYS B 342 -4.22 19.87 -10.55
CA CYS B 342 -2.85 19.49 -10.26
C CYS B 342 -2.10 20.74 -9.91
N PRO B 343 -1.31 20.68 -8.84
CA PRO B 343 -0.60 21.85 -8.37
C PRO B 343 0.50 22.19 -9.34
N ARG B 344 1.10 21.17 -9.92
CA ARG B 344 2.18 21.37 -10.86
C ARG B 344 1.84 22.42 -11.88
N TYR B 345 0.59 22.46 -12.30
CA TYR B 345 0.15 23.47 -13.22
C TYR B 345 -0.69 24.52 -12.52
N ASN B 346 -1.03 24.26 -11.27
CA ASN B 346 -1.83 25.23 -10.52
C ASN B 346 -1.11 25.68 -9.27
N PRO B 347 -0.43 26.83 -9.34
CA PRO B 347 0.49 27.29 -8.30
C PRO B 347 -0.24 27.65 -7.02
N ASP B 348 -1.55 27.79 -7.12
CA ASP B 348 -2.37 28.20 -6.00
C ASP B 348 -2.85 27.02 -5.18
N VAL B 349 -3.09 25.91 -5.87
CA VAL B 349 -3.53 24.70 -5.20
C VAL B 349 -2.47 24.25 -4.23
N SER B 350 -2.89 23.91 -3.02
CA SER B 350 -1.95 23.43 -2.03
C SER B 350 -2.23 21.96 -1.75
N PHE B 351 -1.19 21.22 -1.38
CA PHE B 351 -1.36 19.83 -1.00
C PHE B 351 -2.28 19.67 0.20
N ASN B 352 -2.56 18.43 0.54
CA ASN B 352 -3.29 18.13 1.76
C ASN B 352 -2.32 17.82 2.87
N LYS B 353 -2.81 17.82 4.10
CA LYS B 353 -1.95 17.76 5.27
C LYS B 353 -1.08 16.51 5.32
N THR B 354 -1.65 15.38 4.91
CA THR B 354 -0.93 14.12 5.05
C THR B 354 0.27 14.12 4.17
N GLN B 355 0.04 14.58 2.95
CA GLN B 355 1.10 14.76 1.99
C GLN B 355 2.18 15.63 2.59
N LEU B 356 1.78 16.80 3.05
CA LEU B 356 2.73 17.73 3.65
C LEU B 356 3.44 17.09 4.83
N GLU B 357 2.67 16.60 5.80
CA GLU B 357 3.21 15.93 6.97
C GLU B 357 4.38 15.03 6.63
N TRP B 358 4.20 14.19 5.62
CA TRP B 358 5.28 13.34 5.16
C TRP B 358 6.38 14.12 4.54
N MET B 359 6.02 15.20 3.87
CA MET B 359 7.01 15.93 3.13
C MET B 359 7.97 16.62 4.10
N ARG B 360 7.42 17.39 5.04
CA ARG B 360 8.26 18.06 6.00
C ARG B 360 8.74 17.11 7.08
N GLN B 361 7.81 16.51 7.80
CA GLN B 361 8.19 15.77 8.99
C GLN B 361 8.59 14.34 8.69
N GLY B 362 7.75 13.63 7.96
CA GLY B 362 7.82 12.17 7.96
C GLY B 362 8.31 11.46 6.72
N LEU B 363 7.56 10.39 6.39
CA LEU B 363 7.89 9.37 5.39
C LEU B 363 8.82 8.35 6.03
#